data_2I1E
#
_entry.id   2I1E
#
_entity_poly.entity_id   1
_entity_poly.type   'polypeptide(L)'
_entity_poly.pdbx_seq_one_letter_code
;VKKFPWWWPFLKK(NH2)
;
_entity_poly.pdbx_strand_id   A
#
loop_
_chem_comp.id
_chem_comp.type
_chem_comp.name
_chem_comp.formula
NH2 non-polymer 'AMINO GROUP' 'H2 N'
#
# COMPACT_ATOMS: atom_id res chain seq x y z
N VAL A 1 -2.00 9.98 4.22
CA VAL A 1 -2.37 9.23 5.45
C VAL A 1 -2.15 7.73 5.27
N LYS A 2 -1.59 7.09 6.29
CA LYS A 2 -1.33 5.66 6.24
C LYS A 2 -2.63 4.87 6.11
N LYS A 3 -2.60 3.83 5.28
CA LYS A 3 -3.76 2.99 5.04
C LYS A 3 -3.34 1.85 4.14
N PHE A 4 -2.14 1.37 4.41
CA PHE A 4 -1.56 0.31 3.65
C PHE A 4 -0.96 -0.72 4.59
N PRO A 5 -0.60 -1.87 4.05
CA PRO A 5 -0.02 -2.96 4.78
C PRO A 5 1.50 -2.87 4.76
N TRP A 6 2.02 -2.97 3.56
CA TRP A 6 3.43 -2.86 3.27
C TRP A 6 3.61 -3.05 1.78
N TRP A 7 2.84 -4.02 1.27
CA TRP A 7 2.85 -4.36 -0.14
C TRP A 7 1.93 -3.51 -0.93
N TRP A 8 0.93 -2.93 -0.28
CA TRP A 8 0.01 -2.12 -1.01
C TRP A 8 0.62 -0.79 -1.42
N PRO A 9 1.39 -0.13 -0.53
CA PRO A 9 2.03 1.15 -0.84
C PRO A 9 2.55 1.15 -2.28
N PHE A 10 2.70 -0.07 -2.75
CA PHE A 10 3.12 -0.41 -4.09
C PHE A 10 2.00 -0.15 -5.10
N LEU A 11 0.88 -0.85 -4.86
CA LEU A 11 -0.32 -0.83 -5.68
C LEU A 11 -0.93 0.57 -5.76
N LYS A 12 -0.18 1.53 -6.32
CA LYS A 12 -0.64 2.89 -6.48
C LYS A 12 -0.01 3.52 -7.71
N LYS A 13 0.26 2.70 -8.72
CA LYS A 13 0.87 3.17 -9.96
C LYS A 13 0.69 2.14 -11.07
N NH2 A 14 0.59 0.86 -10.76
HN1 NH2 A 14 -0.28 0.41 -10.88
HN2 NH2 A 14 1.39 0.40 -10.42
N VAL A 1 1.37 3.87 7.46
CA VAL A 1 -0.12 3.86 7.48
C VAL A 1 -0.68 5.23 7.10
N LYS A 2 -1.68 5.22 6.23
CA LYS A 2 -2.30 6.46 5.77
C LYS A 2 -3.53 6.18 4.92
N LYS A 3 -3.44 5.15 4.08
CA LYS A 3 -4.55 4.76 3.22
C LYS A 3 -4.12 3.51 2.50
N PHE A 4 -3.28 2.77 3.20
CA PHE A 4 -2.72 1.55 2.73
C PHE A 4 -2.52 0.60 3.90
N PRO A 5 -2.30 -0.66 3.60
CA PRO A 5 -2.07 -1.70 4.58
C PRO A 5 -0.64 -1.67 5.04
N TRP A 6 0.22 -2.05 4.11
CA TRP A 6 1.65 -2.05 4.28
C TRP A 6 2.26 -2.56 2.99
N TRP A 7 1.64 -3.61 2.46
CA TRP A 7 2.05 -4.24 1.22
C TRP A 7 1.52 -3.49 0.04
N TRP A 8 0.41 -2.79 0.23
CA TRP A 8 -0.17 -2.11 -0.88
C TRP A 8 0.67 -0.90 -1.29
N PRO A 9 1.11 -0.09 -0.32
CA PRO A 9 1.92 1.11 -0.60
C PRO A 9 2.85 0.85 -1.78
N PHE A 10 3.06 -0.43 -1.97
CA PHE A 10 3.85 -1.00 -3.04
C PHE A 10 3.12 -0.88 -4.38
N LEU A 11 1.95 -1.52 -4.41
CA LEU A 11 1.05 -1.61 -5.56
C LEU A 11 0.59 -0.23 -6.05
N LYS A 12 1.54 0.59 -6.49
CA LYS A 12 1.25 1.92 -7.02
C LYS A 12 2.26 2.30 -8.08
N LYS A 13 2.79 1.30 -8.78
CA LYS A 13 3.79 1.52 -9.82
C LYS A 13 3.16 2.22 -11.02
N NH2 A 14 1.84 2.28 -11.13
HN1 NH2 A 14 1.38 1.53 -11.56
HN2 NH2 A 14 1.39 3.06 -10.75
N VAL A 1 -1.73 -3.31 -10.34
CA VAL A 1 -0.25 -3.46 -10.49
C VAL A 1 0.44 -3.43 -9.13
N LYS A 2 1.38 -4.35 -8.93
CA LYS A 2 2.11 -4.42 -7.67
C LYS A 2 2.92 -3.16 -7.45
N LYS A 3 2.81 -2.58 -6.24
CA LYS A 3 3.53 -1.37 -5.90
C LYS A 3 3.25 -1.07 -4.46
N PHE A 4 2.71 -2.10 -3.80
CA PHE A 4 2.35 -2.03 -2.43
C PHE A 4 2.50 -3.41 -1.82
N PRO A 5 2.60 -3.45 -0.51
CA PRO A 5 2.73 -4.66 0.28
C PRO A 5 1.37 -5.29 0.49
N TRP A 6 0.60 -4.59 1.28
CA TRP A 6 -0.76 -4.95 1.62
C TRP A 6 -1.30 -3.90 2.58
N TRP A 7 -0.45 -3.56 3.53
CA TRP A 7 -0.78 -2.57 4.55
C TRP A 7 -0.56 -1.18 4.02
N TRP A 8 0.32 -1.06 3.04
CA TRP A 8 0.60 0.25 2.53
C TRP A 8 -0.57 0.80 1.73
N PRO A 9 -1.14 0.01 0.80
CA PRO A 9 -2.25 0.44 -0.04
C PRO A 9 -3.15 1.40 0.73
N PHE A 10 -3.06 1.22 2.03
CA PHE A 10 -3.72 2.02 3.03
C PHE A 10 -3.15 3.44 3.06
N LEU A 11 -1.86 3.47 3.44
CA LEU A 11 -1.07 4.69 3.59
C LEU A 11 -0.93 5.47 2.28
N LYS A 12 -2.04 6.03 1.80
CA LYS A 12 -2.02 6.80 0.57
C LYS A 12 -3.20 7.77 0.50
N LYS A 13 -4.40 7.24 0.67
CA LYS A 13 -5.61 8.06 0.62
C LYS A 13 -5.72 8.94 1.86
N NH2 A 14 -6.31 8.47 2.96
HN1 NH2 A 14 -6.09 7.55 3.23
HN2 NH2 A 14 -6.92 9.05 3.45
N VAL A 1 -2.54 3.73 7.14
CA VAL A 1 -1.50 4.77 7.21
C VAL A 1 -1.98 6.08 6.59
N LYS A 2 -2.75 5.98 5.51
CA LYS A 2 -3.28 7.15 4.83
C LYS A 2 -4.30 6.76 3.77
N LYS A 3 -4.06 5.66 3.08
CA LYS A 3 -4.94 5.16 2.05
C LYS A 3 -4.41 3.84 1.57
N PHE A 4 -3.69 3.21 2.49
CA PHE A 4 -3.05 1.95 2.28
C PHE A 4 -2.99 1.21 3.59
N PRO A 5 -2.73 -0.08 3.51
CA PRO A 5 -2.61 -0.96 4.66
C PRO A 5 -1.25 -0.79 5.28
N TRP A 6 -0.28 -1.29 4.55
CA TRP A 6 1.13 -1.22 4.90
C TRP A 6 1.90 -1.92 3.80
N TRP A 7 1.32 -3.03 3.35
CA TRP A 7 1.90 -3.84 2.29
C TRP A 7 1.48 -3.34 0.94
N TRP A 8 0.39 -2.61 0.88
CA TRP A 8 -0.07 -2.15 -0.39
C TRP A 8 0.79 -1.02 -0.94
N PRO A 9 1.15 -0.03 -0.10
CA PRO A 9 1.99 1.10 -0.54
C PRO A 9 3.04 0.62 -1.52
N PHE A 10 3.26 -0.66 -1.42
CA PHE A 10 4.15 -1.43 -2.26
C PHE A 10 3.58 -1.64 -3.66
N LEU A 11 2.44 -2.33 -3.67
CA LEU A 11 1.70 -2.71 -4.88
C LEU A 11 1.23 -1.51 -5.70
N LYS A 12 2.17 -0.73 -6.21
CA LYS A 12 1.86 0.43 -7.03
C LYS A 12 3.01 0.73 -7.99
N LYS A 13 3.71 -0.32 -8.40
CA LYS A 13 4.84 -0.19 -9.31
C LYS A 13 4.42 0.47 -10.62
N NH2 A 14 5.03 1.58 -11.02
HN1 NH2 A 14 4.69 2.44 -10.70
HN2 NH2 A 14 5.80 1.50 -11.61
N VAL A 1 -7.50 0.48 5.23
CA VAL A 1 -6.43 1.17 6.01
C VAL A 1 -5.87 0.26 7.10
N LYS A 2 -4.55 0.26 7.24
CA LYS A 2 -3.89 -0.56 8.24
C LYS A 2 -2.41 -0.19 8.37
N LYS A 3 -1.75 0.04 7.23
CA LYS A 3 -0.35 0.41 7.22
C LYS A 3 0.05 0.71 5.79
N PHE A 4 -0.88 1.33 5.10
CA PHE A 4 -0.71 1.69 3.72
C PHE A 4 -1.42 3.00 3.44
N PRO A 5 -1.13 3.59 2.30
CA PRO A 5 -1.72 4.84 1.87
C PRO A 5 -2.95 4.57 1.03
N TRP A 6 -2.70 3.95 -0.09
CA TRP A 6 -3.72 3.55 -1.04
C TRP A 6 -3.01 2.87 -2.20
N TRP A 7 -1.87 3.46 -2.56
CA TRP A 7 -1.04 2.98 -3.65
C TRP A 7 -0.09 1.93 -3.19
N TRP A 8 0.19 1.88 -1.90
CA TRP A 8 1.14 0.91 -1.44
C TRP A 8 0.53 -0.50 -1.41
N PRO A 9 -0.71 -0.66 -0.93
CA PRO A 9 -1.37 -1.96 -0.86
C PRO A 9 -1.04 -2.78 -2.10
N PHE A 10 -0.64 -2.02 -3.10
CA PHE A 10 -0.21 -2.51 -4.40
C PHE A 10 1.15 -3.17 -4.29
N LEU A 11 2.12 -2.38 -3.82
CA LEU A 11 3.51 -2.76 -3.65
C LEU A 11 3.66 -3.93 -2.68
N LYS A 12 3.12 -5.09 -3.07
CA LYS A 12 3.18 -6.30 -2.25
C LYS A 12 3.18 -7.54 -3.13
N LYS A 13 3.74 -7.39 -4.34
CA LYS A 13 3.81 -8.49 -5.28
C LYS A 13 4.81 -8.20 -6.40
N NH2 A 14 5.71 -9.12 -6.72
HN1 NH2 A 14 6.24 -9.53 -5.99
HN2 NH2 A 14 5.82 -9.36 -7.67
N VAL A 1 -0.38 -4.01 -10.84
CA VAL A 1 -0.03 -4.46 -9.47
C VAL A 1 0.93 -3.47 -8.81
N LYS A 2 1.93 -3.03 -9.56
CA LYS A 2 2.92 -2.08 -9.05
C LYS A 2 2.29 -0.75 -8.70
N LYS A 3 1.79 -0.62 -7.47
CA LYS A 3 1.16 0.59 -6.99
C LYS A 3 1.20 0.56 -5.49
N PHE A 4 1.03 -0.65 -4.99
CA PHE A 4 1.07 -0.93 -3.60
C PHE A 4 1.57 -2.36 -3.42
N PRO A 5 2.19 -2.61 -2.28
CA PRO A 5 2.73 -3.92 -1.92
C PRO A 5 1.63 -4.82 -1.43
N TRP A 6 1.11 -4.43 -0.29
CA TRP A 6 0.02 -5.11 0.38
C TRP A 6 -0.28 -4.35 1.65
N TRP A 7 0.79 -3.94 2.30
CA TRP A 7 0.72 -3.18 3.53
C TRP A 7 0.53 -1.73 3.26
N TRP A 8 0.93 -1.29 2.08
CA TRP A 8 0.80 0.10 1.79
C TRP A 8 -0.65 0.49 1.52
N PRO A 9 -1.41 -0.31 0.76
CA PRO A 9 -2.81 -0.01 0.47
C PRO A 9 -3.49 0.56 1.70
N PHE A 10 -2.83 0.31 2.81
CA PHE A 10 -3.18 0.77 4.13
C PHE A 10 -2.87 2.26 4.29
N LEU A 11 -1.58 2.56 4.12
CA LEU A 11 -1.01 3.90 4.25
C LEU A 11 -1.64 4.88 3.25
N LYS A 12 -2.93 5.13 3.42
CA LYS A 12 -3.69 6.04 2.57
C LYS A 12 -4.86 6.64 3.34
N LYS A 13 -4.67 6.80 4.65
CA LYS A 13 -5.71 7.34 5.51
C LYS A 13 -5.17 7.66 6.90
N NH2 A 14 -3.88 7.43 7.16
HN1 NH2 A 14 -3.38 8.13 7.64
HN2 NH2 A 14 -3.50 6.57 6.88
N VAL A 1 -4.74 -0.98 4.37
CA VAL A 1 -5.81 -1.00 5.39
C VAL A 1 -5.76 0.24 6.28
N LYS A 2 -4.54 0.59 6.71
CA LYS A 2 -4.34 1.76 7.56
C LYS A 2 -2.85 2.02 7.76
N LYS A 3 -2.09 1.96 6.67
CA LYS A 3 -0.66 2.19 6.71
C LYS A 3 -0.17 2.15 5.29
N PHE A 4 -1.09 2.47 4.40
CA PHE A 4 -0.85 2.47 3.00
C PHE A 4 -1.61 3.62 2.36
N PRO A 5 -1.20 3.98 1.17
CA PRO A 5 -1.82 5.05 0.39
C PRO A 5 -3.05 4.51 -0.32
N TRP A 6 -2.75 3.66 -1.26
CA TRP A 6 -3.73 2.97 -2.07
C TRP A 6 -2.97 2.10 -3.04
N TRP A 7 -1.89 2.68 -3.54
CA TRP A 7 -1.01 2.02 -4.50
C TRP A 7 0.01 1.19 -3.80
N TRP A 8 0.25 1.44 -2.52
CA TRP A 8 1.26 0.69 -1.85
C TRP A 8 0.84 -0.75 -1.63
N PRO A 9 -0.39 -0.99 -1.12
CA PRO A 9 -0.90 -2.34 -0.87
C PRO A 9 -0.34 -3.31 -1.92
N PHE A 10 0.03 -2.69 -3.02
CA PHE A 10 0.65 -3.33 -4.17
C PHE A 10 2.08 -3.79 -3.88
N LEU A 11 2.94 -2.79 -3.61
CA LEU A 11 4.37 -2.98 -3.36
C LEU A 11 4.69 -4.22 -2.51
N LYS A 12 3.91 -4.46 -1.46
CA LYS A 12 4.17 -5.63 -0.60
C LYS A 12 4.24 -6.91 -1.41
N LYS A 13 3.29 -7.10 -2.31
CA LYS A 13 3.25 -8.29 -3.16
C LYS A 13 4.43 -8.30 -4.12
N NH2 A 14 4.58 -7.31 -4.98
HN1 NH2 A 14 4.71 -6.41 -4.63
HN2 NH2 A 14 4.54 -7.52 -5.94
N VAL A 1 9.18 -6.21 -5.79
CA VAL A 1 7.88 -6.80 -5.37
C VAL A 1 6.81 -5.73 -5.19
N LYS A 2 5.58 -6.06 -5.60
CA LYS A 2 4.46 -5.13 -5.49
C LYS A 2 3.16 -5.88 -5.24
N LYS A 3 2.32 -5.31 -4.38
CA LYS A 3 1.02 -5.88 -4.06
C LYS A 3 0.20 -4.77 -3.47
N PHE A 4 0.56 -3.58 -3.88
CA PHE A 4 -0.06 -2.38 -3.43
C PHE A 4 -0.17 -1.39 -4.58
N PRO A 5 -1.01 -0.39 -4.39
CA PRO A 5 -1.25 0.67 -5.36
C PRO A 5 -0.11 1.66 -5.33
N TRP A 6 -0.08 2.38 -4.24
CA TRP A 6 0.93 3.37 -3.95
C TRP A 6 0.61 3.98 -2.60
N TRP A 7 -0.70 4.20 -2.41
CA TRP A 7 -1.21 4.76 -1.18
C TRP A 7 -1.45 3.69 -0.17
N TRP A 8 -1.70 2.48 -0.63
CA TRP A 8 -1.97 1.42 0.31
C TRP A 8 -0.72 1.03 1.07
N PRO A 9 0.45 0.94 0.40
CA PRO A 9 1.72 0.58 1.06
C PRO A 9 1.79 1.21 2.45
N PHE A 10 0.92 2.17 2.61
CA PHE A 10 0.70 2.93 3.82
C PHE A 10 -0.23 2.21 4.80
N LEU A 11 -1.46 1.99 4.31
CA LEU A 11 -2.57 1.39 5.06
C LEU A 11 -2.35 -0.07 5.47
N LYS A 12 -1.26 -0.35 6.19
CA LYS A 12 -1.03 -1.71 6.66
C LYS A 12 -1.69 -1.90 8.03
N LYS A 13 -1.61 -0.86 8.86
CA LYS A 13 -2.19 -0.90 10.20
C LYS A 13 -2.18 0.49 10.84
N NH2 A 14 -3.21 1.31 10.64
HN1 NH2 A 14 -3.98 0.96 10.13
HN2 NH2 A 14 -3.15 2.22 11.00
N VAL A 1 9.08 -4.03 -5.08
CA VAL A 1 8.23 -4.64 -6.14
C VAL A 1 6.78 -4.18 -6.04
N LYS A 2 6.18 -3.88 -7.18
CA LYS A 2 4.79 -3.43 -7.22
C LYS A 2 3.86 -4.48 -6.63
N LYS A 3 2.90 -4.03 -5.84
CA LYS A 3 1.94 -4.93 -5.21
C LYS A 3 0.80 -4.14 -4.59
N PHE A 4 1.05 -2.88 -4.30
CA PHE A 4 0.04 -2.04 -3.72
C PHE A 4 0.14 -0.64 -4.34
N PRO A 5 -0.93 0.16 -4.24
CA PRO A 5 -0.97 1.50 -4.82
C PRO A 5 0.16 2.40 -4.32
N TRP A 6 -0.03 2.94 -3.13
CA TRP A 6 0.94 3.81 -2.47
C TRP A 6 0.36 4.21 -1.13
N TRP A 7 -0.91 4.61 -1.19
CA TRP A 7 -1.66 4.99 -0.02
C TRP A 7 -1.98 3.76 0.77
N TRP A 8 -2.15 2.67 0.03
CA TRP A 8 -2.47 1.44 0.68
C TRP A 8 -1.29 0.90 1.45
N PRO A 9 -0.13 0.71 0.80
CA PRO A 9 1.07 0.17 1.42
C PRO A 9 1.11 0.51 2.91
N PHE A 10 0.52 1.65 3.19
CA PHE A 10 0.33 2.16 4.53
C PHE A 10 -0.48 1.17 5.37
N LEU A 11 -1.73 1.01 4.94
CA LEU A 11 -2.73 0.12 5.55
C LEU A 11 -2.13 -1.23 5.93
N LYS A 12 -1.09 -1.64 5.23
CA LYS A 12 -0.42 -2.90 5.49
C LYS A 12 0.44 -2.82 6.76
N LYS A 13 -0.13 -2.34 7.85
CA LYS A 13 0.59 -2.20 9.11
C LYS A 13 -0.36 -1.94 10.27
N NH2 A 14 -0.88 -0.72 10.43
HN1 NH2 A 14 -0.90 -0.13 9.65
HN2 NH2 A 14 -1.21 -0.48 11.32
N VAL A 1 -3.99 8.53 7.96
CA VAL A 1 -3.13 8.48 6.75
C VAL A 1 -2.88 7.04 6.32
N LYS A 2 -2.55 6.19 7.28
CA LYS A 2 -2.28 4.78 6.99
C LYS A 2 -3.52 4.11 6.42
N LYS A 3 -3.33 3.38 5.31
CA LYS A 3 -4.42 2.66 4.65
C LYS A 3 -3.78 1.68 3.70
N PHE A 4 -2.59 1.24 4.09
CA PHE A 4 -1.81 0.32 3.32
C PHE A 4 -1.13 -0.65 4.26
N PRO A 5 -0.68 -1.75 3.71
CA PRO A 5 -0.01 -2.80 4.43
C PRO A 5 1.50 -2.64 4.36
N TRP A 6 1.98 -2.76 3.14
CA TRP A 6 3.37 -2.62 2.79
C TRP A 6 3.48 -2.86 1.29
N TRP A 7 2.74 -3.86 0.84
CA TRP A 7 2.71 -4.26 -0.56
C TRP A 7 1.77 -3.41 -1.34
N TRP A 8 0.79 -2.82 -0.68
CA TRP A 8 -0.15 -2.04 -1.41
C TRP A 8 0.46 -0.75 -1.92
N PRO A 9 1.14 0.03 -1.04
CA PRO A 9 1.76 1.30 -1.40
C PRO A 9 2.24 1.26 -2.85
N PHE A 10 2.51 0.04 -3.26
CA PHE A 10 2.93 -0.33 -4.60
C PHE A 10 1.80 -0.11 -5.62
N LEU A 11 0.76 -0.91 -5.42
CA LEU A 11 -0.43 -0.95 -6.26
C LEU A 11 -0.92 0.43 -6.73
N LYS A 12 -0.79 1.46 -5.90
CA LYS A 12 -1.24 2.79 -6.30
C LYS A 12 -0.51 3.26 -7.55
N LYS A 13 0.80 3.00 -7.60
CA LYS A 13 1.61 3.40 -8.74
C LYS A 13 1.04 2.86 -10.04
N NH2 A 14 1.65 1.84 -10.65
HN1 NH2 A 14 2.00 1.11 -10.10
HN2 NH2 A 14 1.72 1.86 -11.63
N VAL A 1 7.01 -1.95 -6.85
CA VAL A 1 5.78 -2.59 -6.32
C VAL A 1 6.07 -3.95 -5.73
N LYS A 2 5.45 -4.24 -4.59
CA LYS A 2 5.65 -5.52 -3.91
C LYS A 2 4.32 -6.24 -3.72
N LYS A 3 3.30 -5.50 -3.30
CA LYS A 3 1.97 -6.07 -3.09
C LYS A 3 1.06 -4.92 -2.74
N PHE A 4 1.44 -3.76 -3.26
CA PHE A 4 0.71 -2.55 -3.01
C PHE A 4 0.76 -1.67 -4.24
N PRO A 5 -0.17 -0.73 -4.30
CA PRO A 5 -0.29 0.25 -5.36
C PRO A 5 0.76 1.33 -5.18
N TRP A 6 0.54 2.09 -4.12
CA TRP A 6 1.42 3.16 -3.68
C TRP A 6 0.82 3.77 -2.44
N TRP A 7 -0.50 3.92 -2.50
CA TRP A 7 -1.27 4.49 -1.40
C TRP A 7 -1.66 3.43 -0.42
N TRP A 8 -1.67 2.18 -0.85
CA TRP A 8 -2.07 1.14 0.05
C TRP A 8 -1.00 0.85 1.09
N PRO A 9 0.29 0.85 0.71
CA PRO A 9 1.39 0.60 1.65
C PRO A 9 1.07 1.24 2.99
N PHE A 10 0.15 2.17 2.88
CA PHE A 10 -0.41 2.93 3.98
C PHE A 10 -1.40 2.09 4.79
N LEU A 11 -2.47 1.68 4.11
CA LEU A 11 -3.55 0.89 4.71
C LEU A 11 -2.99 -0.20 5.63
N LYS A 12 -2.04 -0.98 5.12
CA LYS A 12 -1.46 -2.06 5.89
C LYS A 12 -0.74 -1.51 7.12
N LYS A 13 0.02 -0.43 6.92
CA LYS A 13 0.75 0.20 8.01
C LYS A 13 -0.19 0.67 9.12
N NH2 A 14 0.08 0.35 10.37
HN1 NH2 A 14 -0.24 -0.53 10.70
HN2 NH2 A 14 0.57 0.99 10.93
N VAL A 1 0.78 8.33 5.18
CA VAL A 1 -0.63 8.73 4.92
C VAL A 1 -1.56 7.52 4.90
N LYS A 2 -2.71 7.67 5.55
CA LYS A 2 -3.68 6.59 5.62
C LYS A 2 -4.36 6.37 4.27
N LYS A 3 -4.22 5.15 3.73
CA LYS A 3 -4.82 4.82 2.45
C LYS A 3 -4.59 3.35 2.11
N PHE A 4 -3.48 2.81 2.56
CA PHE A 4 -3.15 1.43 2.29
C PHE A 4 -2.50 0.80 3.51
N PRO A 5 -2.49 -0.54 3.60
CA PRO A 5 -1.91 -1.27 4.73
C PRO A 5 -0.45 -0.88 5.00
N TRP A 6 0.45 -1.42 4.19
CA TRP A 6 1.88 -1.15 4.27
C TRP A 6 2.56 -1.94 3.17
N TRP A 7 2.18 -3.21 3.09
CA TRP A 7 2.69 -4.12 2.08
C TRP A 7 2.04 -3.77 0.77
N TRP A 8 0.82 -3.27 0.88
CA TRP A 8 0.09 -2.94 -0.31
C TRP A 8 0.69 -1.72 -0.97
N PRO A 9 0.85 -0.60 -0.23
CA PRO A 9 1.40 0.64 -0.78
C PRO A 9 2.38 0.36 -1.90
N PHE A 10 3.00 -0.80 -1.76
CA PHE A 10 3.92 -1.36 -2.74
C PHE A 10 3.18 -1.62 -4.05
N LEU A 11 2.19 -2.52 -3.95
CA LEU A 11 1.34 -2.97 -5.03
C LEU A 11 0.59 -1.82 -5.68
N LYS A 12 1.32 -0.93 -6.36
CA LYS A 12 0.72 0.21 -7.03
C LYS A 12 1.75 0.92 -7.90
N LYS A 13 2.59 0.15 -8.56
CA LYS A 13 3.64 0.70 -9.43
C LYS A 13 3.01 1.52 -10.55
N NH2 A 14 1.90 1.09 -11.13
HN1 NH2 A 14 1.51 1.63 -11.85
HN2 NH2 A 14 1.52 0.24 -10.82
N VAL A 1 -4.33 4.04 10.20
CA VAL A 1 -3.81 3.37 8.98
C VAL A 1 -3.83 1.85 9.14
N LYS A 2 -4.28 1.15 8.10
CA LYS A 2 -4.35 -0.30 8.13
C LYS A 2 -2.95 -0.92 8.20
N LYS A 3 -2.10 -0.52 7.25
CA LYS A 3 -0.73 -1.02 7.19
C LYS A 3 0.05 -0.32 6.10
N PHE A 4 -0.69 0.20 5.14
CA PHE A 4 -0.09 0.91 4.03
C PHE A 4 -0.98 2.08 3.62
N PRO A 5 -0.45 3.02 2.83
CA PRO A 5 -1.20 4.20 2.38
C PRO A 5 -2.55 3.83 1.73
N TRP A 6 -2.49 3.46 0.47
CA TRP A 6 -3.65 3.05 -0.31
C TRP A 6 -3.16 2.68 -1.68
N TRP A 7 -2.29 3.52 -2.21
CA TRP A 7 -1.66 3.31 -3.50
C TRP A 7 -0.60 2.28 -3.35
N TRP A 8 -0.07 2.20 -2.13
CA TRP A 8 0.99 1.26 -1.90
C TRP A 8 0.48 -0.17 -1.90
N PRO A 9 -0.58 -0.48 -1.14
CA PRO A 9 -1.14 -1.83 -1.05
C PRO A 9 -1.00 -2.57 -2.37
N PHE A 10 -0.91 -1.75 -3.39
CA PHE A 10 -0.68 -2.16 -4.76
C PHE A 10 0.73 -2.71 -4.94
N LEU A 11 1.69 -1.80 -4.70
CA LEU A 11 3.13 -2.05 -4.83
C LEU A 11 3.63 -3.12 -3.86
N LYS A 12 3.21 -4.36 -4.08
CA LYS A 12 3.64 -5.46 -3.22
C LYS A 12 4.49 -6.47 -3.99
N LYS A 13 4.04 -6.84 -5.19
CA LYS A 13 4.78 -7.79 -6.01
C LYS A 13 6.14 -7.23 -6.39
N NH2 A 14 6.21 -6.24 -7.29
HN1 NH2 A 14 5.63 -5.47 -7.16
HN2 NH2 A 14 6.84 -6.34 -8.04
N VAL A 1 -0.07 6.77 6.97
CA VAL A 1 -0.58 5.39 6.78
C VAL A 1 -2.11 5.38 6.72
N LYS A 2 -2.67 6.42 6.12
CA LYS A 2 -4.12 6.55 5.99
C LYS A 2 -4.54 6.45 4.53
N LYS A 3 -4.03 5.44 3.82
CA LYS A 3 -4.35 5.24 2.43
C LYS A 3 -3.74 3.92 1.98
N PHE A 4 -2.86 3.43 2.83
CA PHE A 4 -2.18 2.19 2.60
C PHE A 4 -2.01 1.50 3.93
N PRO A 5 -1.75 0.20 3.87
CA PRO A 5 -1.54 -0.64 5.03
C PRO A 5 -0.05 -0.73 5.34
N TRP A 6 0.64 -1.33 4.40
CA TRP A 6 2.08 -1.51 4.41
C TRP A 6 2.43 -2.25 3.15
N TRP A 7 1.57 -3.22 2.84
CA TRP A 7 1.73 -4.06 1.66
C TRP A 7 1.12 -3.44 0.45
N TRP A 8 0.27 -2.45 0.64
CA TRP A 8 -0.36 -1.90 -0.53
C TRP A 8 0.62 -1.11 -1.36
N PRO A 9 1.37 -0.18 -0.75
CA PRO A 9 2.34 0.66 -1.45
C PRO A 9 2.95 -0.11 -2.61
N PHE A 10 2.91 -1.41 -2.45
CA PHE A 10 3.33 -2.38 -3.43
C PHE A 10 2.56 -2.19 -4.74
N LEU A 11 1.25 -2.44 -4.65
CA LEU A 11 0.31 -2.33 -5.77
C LEU A 11 0.33 -0.93 -6.39
N LYS A 12 1.42 -0.58 -7.07
CA LYS A 12 1.55 0.73 -7.70
C LYS A 12 2.41 0.66 -8.96
N LYS A 13 3.69 0.35 -8.79
CA LYS A 13 4.62 0.26 -9.92
C LYS A 13 4.39 -1.04 -10.69
N NH2 A 14 3.90 -1.00 -11.92
HN1 NH2 A 14 2.97 -0.69 -12.02
HN2 NH2 A 14 4.47 -1.27 -12.66
N VAL A 1 -4.71 0.87 11.62
CA VAL A 1 -4.15 -0.23 10.80
C VAL A 1 -3.84 0.24 9.39
N LYS A 2 -4.79 0.94 8.77
CA LYS A 2 -4.61 1.44 7.42
C LYS A 2 -3.81 2.74 7.41
N LYS A 3 -2.87 2.84 6.47
CA LYS A 3 -2.03 4.02 6.35
C LYS A 3 -1.15 3.88 5.12
N PHE A 4 -1.76 3.41 4.04
CA PHE A 4 -1.06 3.21 2.79
C PHE A 4 -1.95 3.62 1.64
N PRO A 5 -1.34 3.96 0.51
CA PRO A 5 -2.06 4.39 -0.70
C PRO A 5 -2.90 3.28 -1.29
N TRP A 6 -2.90 3.20 -2.61
CA TRP A 6 -3.63 2.16 -3.32
C TRP A 6 -2.62 1.32 -4.09
N TRP A 7 -1.63 2.00 -4.65
CA TRP A 7 -0.57 1.36 -5.41
C TRP A 7 0.37 0.65 -4.49
N TRP A 8 0.60 1.22 -3.31
CA TRP A 8 1.51 0.62 -2.39
C TRP A 8 0.98 -0.70 -1.84
N PRO A 9 -0.28 -0.74 -1.38
CA PRO A 9 -0.90 -1.94 -0.81
C PRO A 9 -0.41 -3.20 -1.50
N PHE A 10 0.07 -2.98 -2.70
CA PHE A 10 0.65 -3.98 -3.56
C PHE A 10 2.02 -4.44 -3.04
N LEU A 11 2.91 -3.45 -3.00
CA LEU A 11 4.30 -3.60 -2.58
C LEU A 11 4.49 -4.48 -1.35
N LYS A 12 3.42 -4.66 -0.56
CA LYS A 12 3.51 -5.50 0.63
C LYS A 12 4.12 -6.86 0.31
N LYS A 13 3.71 -7.44 -0.82
CA LYS A 13 4.23 -8.74 -1.24
C LYS A 13 5.74 -8.71 -1.39
N NH2 A 14 6.34 -7.57 -1.70
HN1 NH2 A 14 7.08 -7.27 -1.13
HN2 NH2 A 14 6.03 -7.08 -2.49
N VAL A 1 -1.84 9.01 7.37
CA VAL A 1 -0.96 7.84 7.16
C VAL A 1 -1.74 6.67 6.56
N LYS A 2 -2.94 6.43 7.07
CA LYS A 2 -3.77 5.35 6.58
C LYS A 2 -4.16 5.56 5.12
N LYS A 3 -3.68 4.67 4.26
CA LYS A 3 -3.96 4.73 2.83
C LYS A 3 -3.36 3.51 2.21
N PHE A 4 -2.42 2.96 2.95
CA PHE A 4 -1.74 1.78 2.56
C PHE A 4 -1.44 0.97 3.82
N PRO A 5 -1.35 -0.32 3.66
CA PRO A 5 -1.06 -1.27 4.74
C PRO A 5 0.44 -1.36 4.96
N TRP A 6 1.09 -1.90 3.95
CA TRP A 6 2.53 -2.06 3.90
C TRP A 6 2.87 -2.72 2.58
N TRP A 7 2.09 -3.74 2.26
CA TRP A 7 2.25 -4.48 1.03
C TRP A 7 1.63 -3.74 -0.09
N TRP A 8 0.55 -3.01 0.20
CA TRP A 8 -0.08 -2.31 -0.85
C TRP A 8 0.90 -1.36 -1.47
N PRO A 9 1.58 -0.51 -0.67
CA PRO A 9 2.61 0.44 -1.16
C PRO A 9 3.52 -0.30 -2.09
N PHE A 10 2.90 -0.69 -3.17
CA PHE A 10 3.48 -1.56 -4.18
C PHE A 10 2.60 -1.52 -5.42
N LEU A 11 1.39 -2.02 -5.19
CA LEU A 11 0.32 -2.15 -6.17
C LEU A 11 0.06 -0.85 -6.93
N LYS A 12 0.21 0.29 -6.27
CA LYS A 12 -0.01 1.57 -6.93
C LYS A 12 0.96 1.78 -8.08
N LYS A 13 2.24 1.52 -7.83
CA LYS A 13 3.27 1.68 -8.86
C LYS A 13 3.07 0.69 -9.99
N NH2 A 14 2.12 -0.23 -9.88
HN1 NH2 A 14 1.19 0.02 -10.11
HN2 NH2 A 14 2.38 -1.14 -9.59
N VAL A 1 -0.93 -2.15 -5.26
CA VAL A 1 -1.41 -3.11 -6.29
C VAL A 1 -0.34 -4.16 -6.60
N LYS A 2 0.92 -3.72 -6.63
CA LYS A 2 2.04 -4.62 -6.92
C LYS A 2 3.37 -3.95 -6.61
N LYS A 3 3.39 -3.18 -5.52
CA LYS A 3 4.58 -2.47 -5.07
C LYS A 3 4.28 -1.99 -3.68
N PHE A 4 3.39 -2.72 -3.05
CA PHE A 4 2.92 -2.43 -1.73
C PHE A 4 2.74 -3.74 -0.96
N PRO A 5 2.62 -3.62 0.34
CA PRO A 5 2.42 -4.75 1.25
C PRO A 5 0.98 -5.22 1.17
N TRP A 6 0.14 -4.38 1.73
CA TRP A 6 -1.29 -4.58 1.76
C TRP A 6 -1.91 -3.41 2.49
N TRP A 7 -1.24 -3.03 3.59
CA TRP A 7 -1.65 -1.92 4.43
C TRP A 7 -1.17 -0.62 3.86
N TRP A 8 -0.03 -0.68 3.19
CA TRP A 8 0.52 0.52 2.64
C TRP A 8 -0.31 1.04 1.48
N PRO A 9 -0.74 0.14 0.56
CA PRO A 9 -1.55 0.52 -0.62
C PRO A 9 -2.55 1.61 -0.25
N PHE A 10 -2.73 1.71 1.05
CA PHE A 10 -3.58 2.68 1.71
C PHE A 10 -2.95 4.06 1.71
N LEU A 11 -1.75 4.09 2.30
CA LEU A 11 -0.93 5.28 2.45
C LEU A 11 -0.70 5.99 1.12
N LYS A 12 -1.25 5.43 0.04
CA LYS A 12 -1.11 6.01 -1.29
C LYS A 12 -2.47 6.08 -1.99
N LYS A 13 -3.44 6.69 -1.32
CA LYS A 13 -4.78 6.82 -1.86
C LYS A 13 -5.58 7.88 -1.10
N NH2 A 14 -5.61 9.12 -1.58
HN1 NH2 A 14 -5.91 9.83 -0.98
HN2 NH2 A 14 -5.36 9.26 -2.50
N VAL A 1 5.22 -3.31 -3.83
CA VAL A 1 6.08 -4.41 -4.34
C VAL A 1 6.00 -5.64 -3.44
N LYS A 2 6.09 -5.41 -2.13
CA LYS A 2 6.05 -6.49 -1.16
C LYS A 2 4.67 -7.17 -1.16
N LYS A 3 3.62 -6.37 -1.21
CA LYS A 3 2.25 -6.88 -1.21
C LYS A 3 1.33 -5.69 -1.37
N PHE A 4 1.83 -4.74 -2.12
CA PHE A 4 1.16 -3.51 -2.37
C PHE A 4 1.43 -3.02 -3.78
N PRO A 5 0.63 -2.06 -4.21
CA PRO A 5 0.74 -1.43 -5.52
C PRO A 5 1.83 -0.39 -5.49
N TRP A 6 1.53 0.67 -4.76
CA TRP A 6 2.43 1.78 -4.53
C TRP A 6 1.72 2.79 -3.65
N TRP A 7 0.46 3.04 -4.00
CA TRP A 7 -0.39 3.97 -3.27
C TRP A 7 -1.00 3.29 -2.10
N TRP A 8 -1.26 2.01 -2.24
CA TRP A 8 -1.90 1.32 -1.16
C TRP A 8 -1.04 1.39 0.07
N PRO A 9 0.29 1.08 -0.03
CA PRO A 9 1.22 1.13 1.09
C PRO A 9 1.10 2.50 1.70
N PHE A 10 -0.07 2.67 2.27
CA PHE A 10 -0.57 3.92 2.79
C PHE A 10 -1.77 3.64 3.68
N LEU A 11 -2.79 3.14 2.97
CA LEU A 11 -4.10 2.78 3.52
C LEU A 11 -3.96 1.88 4.75
N LYS A 12 -2.77 1.33 4.93
CA LYS A 12 -2.47 0.46 6.05
C LYS A 12 -2.51 1.23 7.38
N LYS A 13 -1.43 1.15 8.14
CA LYS A 13 -1.34 1.84 9.43
C LYS A 13 -1.48 3.35 9.24
N NH2 A 14 -1.36 3.87 8.02
HN1 NH2 A 14 -1.15 3.26 7.29
HN2 NH2 A 14 -1.51 4.83 7.91
N VAL A 1 -1.99 -3.53 6.09
CA VAL A 1 -3.05 -3.05 5.16
C VAL A 1 -3.88 -1.96 5.80
N LYS A 2 -3.22 -1.01 6.44
CA LYS A 2 -3.90 0.11 7.10
C LYS A 2 -2.89 1.17 7.52
N LYS A 3 -2.03 1.55 6.59
CA LYS A 3 -1.01 2.57 6.84
C LYS A 3 -0.27 2.83 5.54
N PHE A 4 -1.03 2.76 4.45
CA PHE A 4 -0.50 2.98 3.14
C PHE A 4 -1.55 3.69 2.28
N PRO A 5 -1.11 4.30 1.18
CA PRO A 5 -2.01 5.02 0.27
C PRO A 5 -3.17 4.16 -0.22
N TRP A 6 -2.87 3.32 -1.20
CA TRP A 6 -3.84 2.39 -1.77
C TRP A 6 -3.13 1.59 -2.85
N TRP A 7 -2.42 2.33 -3.70
CA TRP A 7 -1.64 1.75 -4.77
C TRP A 7 -0.41 1.14 -4.20
N TRP A 8 -0.02 1.66 -3.04
CA TRP A 8 1.18 1.17 -2.41
C TRP A 8 1.00 -0.23 -1.88
N PRO A 9 0.01 -0.45 -1.00
CA PRO A 9 -0.26 -1.73 -0.36
C PRO A 9 0.14 -2.89 -1.27
N PHE A 10 0.08 -2.57 -2.54
CA PHE A 10 0.47 -3.42 -3.63
C PHE A 10 1.94 -3.84 -3.51
N LEU A 11 2.79 -2.81 -3.61
CA LEU A 11 4.24 -2.91 -3.54
C LEU A 11 4.69 -4.03 -2.59
N LYS A 12 3.99 -4.17 -1.48
CA LYS A 12 4.33 -5.18 -0.48
C LYS A 12 3.89 -6.58 -0.94
N LYS A 13 2.63 -6.71 -1.33
CA LYS A 13 2.11 -7.99 -1.79
C LYS A 13 0.98 -7.78 -2.80
N NH2 A 14 1.27 -7.78 -4.10
HN1 NH2 A 14 1.54 -6.94 -4.52
HN2 NH2 A 14 1.20 -8.63 -4.59
N VAL A 1 -7.43 0.89 6.41
CA VAL A 1 -6.00 0.50 6.24
C VAL A 1 -5.11 1.25 7.22
N LYS A 2 -4.10 0.55 7.75
CA LYS A 2 -3.16 1.13 8.70
C LYS A 2 -1.77 0.57 8.50
N LYS A 3 -1.32 0.54 7.24
CA LYS A 3 0.00 0.04 6.89
C LYS A 3 0.23 0.29 5.43
N PHE A 4 -0.79 0.88 4.81
CA PHE A 4 -0.77 1.21 3.43
C PHE A 4 -1.60 2.46 3.23
N PRO A 5 -1.36 3.15 2.13
CA PRO A 5 -2.04 4.37 1.77
C PRO A 5 -3.21 4.08 0.85
N TRP A 6 -2.85 3.56 -0.31
CA TRP A 6 -3.76 3.17 -1.36
C TRP A 6 -2.92 2.64 -2.51
N TRP A 7 -1.83 3.36 -2.76
CA TRP A 7 -0.89 3.03 -3.81
C TRP A 7 0.10 2.01 -3.37
N TRP A 8 0.29 1.88 -2.07
CA TRP A 8 1.27 0.93 -1.63
C TRP A 8 0.78 -0.50 -1.78
N PRO A 9 -0.46 -0.81 -1.35
CA PRO A 9 -1.02 -2.16 -1.43
C PRO A 9 -0.53 -2.85 -2.71
N PHE A 10 -0.17 -2.00 -3.62
CA PHE A 10 0.39 -2.34 -4.91
C PHE A 10 1.84 -2.86 -4.78
N LEU A 11 2.70 -1.94 -4.35
CA LEU A 11 4.13 -2.18 -4.18
C LEU A 11 4.41 -3.46 -3.41
N LYS A 12 3.58 -3.78 -2.42
CA LYS A 12 3.75 -4.98 -1.63
C LYS A 12 3.79 -6.22 -2.52
N LYS A 13 2.85 -6.28 -3.46
CA LYS A 13 2.76 -7.41 -4.39
C LYS A 13 4.00 -7.48 -5.29
N NH2 A 14 5.00 -6.62 -5.09
HN1 NH2 A 14 4.89 -5.71 -5.41
HN2 NH2 A 14 5.80 -6.95 -4.65
#